data_3ZW5
#
_entry.id   3ZW5
#
_cell.length_a   51.490
_cell.length_b   66.040
_cell.length_c   76.870
_cell.angle_alpha   90.00
_cell.angle_beta   90.00
_cell.angle_gamma   90.00
#
_symmetry.space_group_name_H-M   'P 21 21 21'
#
loop_
_entity.id
_entity.type
_entity.pdbx_description
1 polymer 'GLYOXALASE DOMAIN-CONTAINING PROTEIN 5'
2 non-polymer 'SULFATE ION'
3 non-polymer DI(HYDROXYETHYL)ETHER
4 non-polymer 1,2-ETHANEDIOL
5 water water
#
_entity_poly.entity_id   1
_entity_poly.type   'polypeptide(L)'
_entity_poly.pdbx_seq_one_letter_code
;MHHHHHHSSGVDLGTENLYFQSMLIRRLDHIVMTVKSIKDTTMFYSKILGMEVMTFKEDRKALCFGDQKFNLHEVGKEFE
PKAAHPVPGSLDICLITEVPLEEMIQHLKACDVPIEEGPVPRTGAKGPIMSIYFRDPDRNLIEVSNY
;
_entity_poly.pdbx_strand_id   A,B
#
loop_
_chem_comp.id
_chem_comp.type
_chem_comp.name
_chem_comp.formula
EDO non-polymer 1,2-ETHANEDIOL 'C2 H6 O2'
PEG non-polymer DI(HYDROXYETHYL)ETHER 'C4 H10 O3'
SO4 non-polymer 'SULFATE ION' 'O4 S -2'
#
# COMPACT_ATOMS: atom_id res chain seq x y z
N GLU A 16 25.82 -4.54 6.93
CA GLU A 16 26.26 -3.16 7.09
C GLU A 16 25.23 -2.19 6.50
N ASN A 17 24.85 -2.38 5.21
CA ASN A 17 23.84 -1.55 4.57
C ASN A 17 22.45 -1.98 5.03
N LEU A 18 22.30 -3.29 5.42
CA LEU A 18 21.07 -3.83 5.99
CA LEU A 18 21.07 -3.83 5.99
C LEU A 18 20.74 -3.07 7.27
N TYR A 19 21.77 -2.96 8.16
CA TYR A 19 21.76 -2.28 9.44
C TYR A 19 21.39 -0.82 9.27
N PHE A 20 22.03 -0.10 8.32
CA PHE A 20 21.73 1.30 8.05
C PHE A 20 20.26 1.47 7.64
N GLN A 21 19.77 0.64 6.69
CA GLN A 21 18.37 0.72 6.24
C GLN A 21 17.37 0.41 7.37
N SER A 22 17.75 -0.45 8.33
CA SER A 22 16.89 -0.80 9.47
C SER A 22 16.50 0.47 10.29
N MET A 23 17.41 1.48 10.36
CA MET A 23 17.17 2.71 11.13
CA MET A 23 17.13 2.69 11.14
C MET A 23 16.76 3.89 10.24
N LEU A 24 16.54 3.67 8.94
CA LEU A 24 16.13 4.79 8.09
C LEU A 24 14.64 4.65 7.78
N ILE A 25 13.87 5.68 8.16
CA ILE A 25 12.40 5.73 8.02
C ILE A 25 12.03 5.75 6.55
N ARG A 26 11.01 5.01 6.25
CA ARG A 26 10.52 4.81 4.90
C ARG A 26 9.04 5.07 4.96
N ARG A 27 8.44 5.53 3.87
CA ARG A 27 7.01 5.78 3.87
C ARG A 27 6.39 5.46 2.54
N LEU A 28 5.13 5.03 2.57
CA LEU A 28 4.40 4.79 1.34
C LEU A 28 4.08 6.13 0.68
N ASP A 29 4.37 6.27 -0.62
CA ASP A 29 4.01 7.49 -1.33
C ASP A 29 2.73 7.24 -2.12
N HIS A 30 2.65 6.10 -2.80
CA HIS A 30 1.49 5.78 -3.59
C HIS A 30 1.41 4.32 -3.86
N ILE A 31 0.22 3.88 -4.27
CA ILE A 31 -0.01 2.50 -4.71
C ILE A 31 -0.76 2.58 -6.02
N VAL A 32 -0.55 1.57 -6.88
CA VAL A 32 -1.27 1.51 -8.13
C VAL A 32 -2.46 0.60 -7.93
N MET A 33 -3.68 1.11 -8.14
CA MET A 33 -4.92 0.36 -8.01
C MET A 33 -5.43 0.02 -9.42
N THR A 34 -5.59 -1.29 -9.73
CA THR A 34 -6.11 -1.74 -11.04
C THR A 34 -7.63 -1.93 -10.87
N VAL A 35 -8.40 -1.24 -11.71
CA VAL A 35 -9.85 -1.13 -11.57
C VAL A 35 -10.57 -1.48 -12.87
N LYS A 36 -11.82 -1.91 -12.76
CA LYS A 36 -12.65 -2.19 -13.93
C LYS A 36 -12.98 -0.87 -14.65
N SER A 37 -13.25 0.19 -13.88
CA SER A 37 -13.64 1.47 -14.43
C SER A 37 -13.03 2.63 -13.64
N ILE A 38 -12.13 3.41 -14.28
CA ILE A 38 -11.55 4.58 -13.63
C ILE A 38 -12.69 5.59 -13.32
N LYS A 39 -13.69 5.73 -14.22
CA LYS A 39 -14.84 6.63 -13.98
C LYS A 39 -15.54 6.25 -12.68
N ASP A 40 -15.91 4.96 -12.51
CA ASP A 40 -16.61 4.48 -11.31
C ASP A 40 -15.78 4.67 -10.04
N THR A 41 -14.48 4.33 -10.12
CA THR A 41 -13.58 4.41 -8.97
C THR A 41 -13.36 5.88 -8.54
N THR A 42 -13.07 6.79 -9.51
CA THR A 42 -12.88 8.20 -9.15
C THR A 42 -14.15 8.81 -8.54
N MET A 43 -15.34 8.46 -9.08
CA MET A 43 -16.62 8.96 -8.56
C MET A 43 -16.81 8.50 -7.11
N PHE A 44 -16.53 7.21 -6.85
CA PHE A 44 -16.68 6.63 -5.52
C PHE A 44 -15.75 7.28 -4.52
N TYR A 45 -14.42 7.30 -4.79
CA TYR A 45 -13.48 7.84 -3.78
C TYR A 45 -13.65 9.34 -3.56
N SER A 46 -14.07 10.10 -4.59
CA SER A 46 -14.31 11.53 -4.41
CA SER A 46 -14.31 11.53 -4.41
C SER A 46 -15.53 11.77 -3.52
N LYS A 47 -16.63 11.04 -3.76
CA LYS A 47 -17.87 11.21 -2.98
C LYS A 47 -17.81 10.60 -1.57
N ILE A 48 -17.27 9.39 -1.44
CA ILE A 48 -17.26 8.68 -0.17
C ILE A 48 -16.11 9.11 0.75
N LEU A 49 -14.91 9.35 0.21
CA LEU A 49 -13.79 9.70 1.08
C LEU A 49 -13.19 11.10 0.84
N GLY A 50 -13.79 11.88 -0.08
CA GLY A 50 -13.33 13.24 -0.35
C GLY A 50 -11.97 13.32 -1.01
N MET A 51 -11.58 12.26 -1.73
CA MET A 51 -10.30 12.24 -2.42
C MET A 51 -10.35 13.15 -3.63
N GLU A 52 -9.22 13.78 -3.95
CA GLU A 52 -9.13 14.70 -5.08
C GLU A 52 -8.79 13.92 -6.33
N VAL A 53 -9.58 14.11 -7.40
CA VAL A 53 -9.32 13.46 -8.68
C VAL A 53 -8.33 14.34 -9.44
N MET A 54 -7.16 13.78 -9.81
CA MET A 54 -6.14 14.55 -10.52
C MET A 54 -5.75 13.88 -11.84
N THR A 55 -5.37 14.68 -12.83
CA THR A 55 -4.90 14.19 -14.11
C THR A 55 -3.41 14.54 -14.23
N PHE A 56 -2.59 13.58 -14.67
CA PHE A 56 -1.15 13.81 -14.89
C PHE A 56 -0.69 13.05 -16.13
N LYS A 57 0.49 13.41 -16.69
CA LYS A 57 1.06 12.83 -17.90
C LYS A 57 0.00 12.73 -19.03
N GLU A 58 -0.93 13.73 -19.06
CA GLU A 58 -2.03 13.91 -20.02
C GLU A 58 -3.10 12.82 -20.00
N ASP A 59 -2.71 11.54 -19.96
CA ASP A 59 -3.62 10.39 -20.08
C ASP A 59 -3.80 9.59 -18.78
N ARG A 60 -3.25 10.06 -17.63
CA ARG A 60 -3.26 9.31 -16.36
CA ARG A 60 -3.33 9.27 -16.41
C ARG A 60 -4.15 9.93 -15.30
N LYS A 61 -4.76 9.08 -14.44
CA LYS A 61 -5.61 9.55 -13.35
C LYS A 61 -5.12 9.07 -12.02
N ALA A 62 -5.28 9.92 -11.00
CA ALA A 62 -4.92 9.55 -9.63
C ALA A 62 -5.94 10.11 -8.66
N LEU A 63 -5.99 9.50 -7.46
CA LEU A 63 -6.83 9.96 -6.35
C LEU A 63 -5.88 10.43 -5.27
N CYS A 64 -5.92 11.71 -4.95
CA CYS A 64 -5.03 12.31 -3.95
C CYS A 64 -5.73 12.50 -2.63
N PHE A 65 -4.95 12.30 -1.57
CA PHE A 65 -5.36 12.47 -0.17
C PHE A 65 -4.11 12.71 0.65
N GLY A 66 -4.16 13.69 1.55
CA GLY A 66 -3.00 14.03 2.37
C GLY A 66 -1.77 14.24 1.49
N ASP A 67 -0.69 13.50 1.77
CA ASP A 67 0.59 13.54 1.04
C ASP A 67 0.80 12.27 0.20
N GLN A 68 -0.29 11.53 -0.06
CA GLN A 68 -0.23 10.27 -0.79
C GLN A 68 -1.24 10.24 -1.90
N LYS A 69 -1.21 9.18 -2.71
CA LYS A 69 -2.21 9.01 -3.76
C LYS A 69 -2.36 7.58 -4.19
N PHE A 70 -3.46 7.31 -4.86
CA PHE A 70 -3.64 6.06 -5.59
C PHE A 70 -3.51 6.36 -7.07
N ASN A 71 -2.58 5.70 -7.77
CA ASN A 71 -2.57 5.80 -9.24
C ASN A 71 -3.55 4.78 -9.75
N LEU A 72 -4.33 5.13 -10.75
CA LEU A 72 -5.30 4.19 -11.26
C LEU A 72 -4.91 3.64 -12.61
N HIS A 73 -5.01 2.31 -12.77
CA HIS A 73 -4.88 1.59 -14.05
C HIS A 73 -6.20 0.94 -14.32
N GLU A 74 -6.66 0.98 -15.55
CA GLU A 74 -7.91 0.31 -15.91
C GLU A 74 -7.58 -1.04 -16.53
N VAL A 75 -8.31 -2.10 -16.13
CA VAL A 75 -8.12 -3.45 -16.70
C VAL A 75 -8.15 -3.35 -18.22
N GLY A 76 -7.15 -3.94 -18.87
CA GLY A 76 -7.06 -3.93 -20.32
C GLY A 76 -6.36 -2.70 -20.85
N LYS A 77 -6.01 -1.75 -19.96
CA LYS A 77 -5.38 -0.48 -20.35
C LYS A 77 -4.19 -0.21 -19.45
N GLU A 78 -3.65 -1.25 -18.79
CA GLU A 78 -2.58 -1.06 -17.80
C GLU A 78 -1.29 -0.53 -18.42
N PHE A 79 -0.58 0.28 -17.64
CA PHE A 79 0.69 0.88 -18.04
C PHE A 79 1.82 0.02 -17.49
N GLU A 80 2.95 0.00 -18.19
CA GLU A 80 4.11 -0.80 -17.81
C GLU A 80 5.22 0.04 -17.20
N PRO A 81 5.98 -0.50 -16.22
CA PRO A 81 5.83 -1.80 -15.57
C PRO A 81 4.67 -1.82 -14.58
N LYS A 82 4.20 -3.02 -14.22
CA LYS A 82 3.05 -3.16 -13.31
C LYS A 82 3.23 -4.39 -12.43
N ALA A 83 2.26 -4.63 -11.54
CA ALA A 83 2.26 -5.81 -10.70
C ALA A 83 2.27 -7.06 -11.57
N ALA A 84 2.81 -8.20 -11.04
CA ALA A 84 2.78 -9.44 -11.82
C ALA A 84 1.34 -9.87 -12.07
N HIS A 85 0.43 -9.60 -11.12
CA HIS A 85 -0.98 -9.98 -11.24
C HIS A 85 -1.87 -8.79 -10.92
N PRO A 86 -2.05 -7.84 -11.89
CA PRO A 86 -2.94 -6.69 -11.64
C PRO A 86 -4.37 -7.20 -11.66
N VAL A 87 -4.93 -7.30 -10.46
CA VAL A 87 -6.26 -7.88 -10.27
C VAL A 87 -7.16 -6.86 -9.59
N PRO A 88 -8.31 -6.47 -10.15
CA PRO A 88 -9.24 -5.60 -9.40
C PRO A 88 -9.78 -6.35 -8.18
N GLY A 89 -9.89 -5.65 -7.06
CA GLY A 89 -10.41 -6.27 -5.85
C GLY A 89 -9.40 -7.01 -5.01
N SER A 90 -8.11 -6.87 -5.34
CA SER A 90 -7.03 -7.53 -4.60
C SER A 90 -6.48 -6.69 -3.46
N LEU A 91 -6.96 -5.45 -3.30
CA LEU A 91 -6.42 -4.55 -2.28
C LEU A 91 -7.19 -4.61 -0.99
N ASP A 92 -6.45 -4.52 0.12
CA ASP A 92 -6.96 -4.54 1.49
C ASP A 92 -6.11 -3.47 2.16
N ILE A 93 -6.67 -2.27 2.25
CA ILE A 93 -5.90 -1.13 2.76
CA ILE A 93 -5.99 -1.03 2.68
C ILE A 93 -6.58 -0.46 3.96
N CYS A 94 -5.76 0.18 4.78
CA CYS A 94 -6.25 0.88 5.96
C CYS A 94 -5.85 2.34 5.85
N LEU A 95 -6.85 3.21 5.88
CA LEU A 95 -6.65 4.66 5.86
C LEU A 95 -6.98 5.24 7.21
N ILE A 96 -6.08 6.06 7.76
CA ILE A 96 -6.36 6.80 9.00
C ILE A 96 -7.00 8.09 8.61
N THR A 97 -8.04 8.49 9.34
CA THR A 97 -8.65 9.80 9.16
C THR A 97 -8.73 10.49 10.52
N GLU A 98 -8.68 11.83 10.50
CA GLU A 98 -8.86 12.62 11.71
C GLU A 98 -10.38 12.80 11.98
N VAL A 99 -11.21 12.49 10.95
CA VAL A 99 -12.67 12.54 11.07
C VAL A 99 -13.10 11.46 12.07
N PRO A 100 -13.85 11.85 13.13
CA PRO A 100 -14.32 10.85 14.09
C PRO A 100 -15.05 9.71 13.37
N LEU A 101 -14.74 8.48 13.76
CA LEU A 101 -15.33 7.31 13.13
C LEU A 101 -16.88 7.36 13.13
N GLU A 102 -17.49 7.88 14.22
CA GLU A 102 -18.96 8.01 14.29
C GLU A 102 -19.48 8.90 13.13
N GLU A 103 -18.76 9.98 12.77
CA GLU A 103 -19.17 10.85 11.68
CA GLU A 103 -19.14 10.88 11.67
C GLU A 103 -18.99 10.13 10.33
N MET A 104 -17.91 9.30 10.21
CA MET A 104 -17.67 8.53 8.99
CA MET A 104 -17.66 8.53 9.00
C MET A 104 -18.78 7.50 8.79
N ILE A 105 -19.24 6.86 9.87
CA ILE A 105 -20.34 5.87 9.84
C ILE A 105 -21.60 6.57 9.33
N GLN A 106 -21.89 7.77 9.86
CA GLN A 106 -23.07 8.55 9.46
C GLN A 106 -22.99 8.91 7.98
N HIS A 107 -21.79 9.27 7.51
CA HIS A 107 -21.51 9.62 6.11
C HIS A 107 -21.77 8.42 5.19
N LEU A 108 -21.26 7.23 5.54
CA LEU A 108 -21.44 6.02 4.71
C LEU A 108 -22.88 5.59 4.65
N LYS A 109 -23.60 5.68 5.79
CA LYS A 109 -25.03 5.37 5.82
C LYS A 109 -25.81 6.32 4.91
N ALA A 110 -25.45 7.61 4.92
CA ALA A 110 -26.08 8.65 4.09
C ALA A 110 -25.84 8.38 2.59
N CYS A 111 -24.67 7.87 2.24
CA CYS A 111 -24.28 7.57 0.86
C CYS A 111 -24.69 6.16 0.42
N ASP A 112 -25.41 5.43 1.29
CA ASP A 112 -25.90 4.06 1.06
C ASP A 112 -24.75 3.09 0.75
N VAL A 113 -23.62 3.24 1.47
CA VAL A 113 -22.49 2.34 1.36
C VAL A 113 -22.58 1.41 2.57
N PRO A 114 -22.83 0.08 2.37
CA PRO A 114 -22.94 -0.81 3.53
C PRO A 114 -21.64 -0.89 4.32
N ILE A 115 -21.75 -0.90 5.64
CA ILE A 115 -20.60 -1.09 6.51
C ILE A 115 -20.52 -2.56 6.75
N GLU A 116 -19.47 -3.19 6.23
CA GLU A 116 -19.26 -4.63 6.35
C GLU A 116 -18.98 -5.06 7.79
N GLU A 117 -18.17 -4.28 8.51
CA GLU A 117 -17.80 -4.55 9.89
C GLU A 117 -17.42 -3.24 10.56
N GLY A 118 -17.67 -3.15 11.87
CA GLY A 118 -17.25 -1.98 12.63
C GLY A 118 -18.34 -1.12 13.24
N PRO A 119 -17.97 -0.23 14.18
CA PRO A 119 -16.60 0.03 14.68
C PRO A 119 -16.06 -1.14 15.48
N VAL A 120 -14.81 -1.53 15.19
CA VAL A 120 -14.14 -2.64 15.86
C VAL A 120 -12.70 -2.28 16.18
N PRO A 121 -12.10 -2.87 17.24
CA PRO A 121 -10.70 -2.56 17.54
C PRO A 121 -9.78 -3.39 16.66
N ARG A 122 -8.73 -2.76 16.14
CA ARG A 122 -7.77 -3.41 15.27
C ARG A 122 -6.37 -2.93 15.57
N THR A 123 -5.38 -3.52 14.92
CA THR A 123 -3.99 -3.13 15.13
C THR A 123 -3.55 -2.21 14.01
N GLY A 124 -3.09 -1.03 14.38
CA GLY A 124 -2.52 -0.09 13.41
C GLY A 124 -1.01 -0.21 13.45
N ALA A 125 -0.31 0.46 12.52
CA ALA A 125 1.14 0.43 12.49
C ALA A 125 1.75 1.02 13.76
N LYS A 126 1.08 2.02 14.36
CA LYS A 126 1.61 2.73 15.53
C LYS A 126 0.94 2.39 16.85
N GLY A 127 0.01 1.45 16.83
CA GLY A 127 -0.72 1.06 18.02
C GLY A 127 -2.15 0.68 17.70
N PRO A 128 -2.98 0.46 18.75
CA PRO A 128 -4.38 0.08 18.48
CA PRO A 128 -4.39 0.09 18.49
C PRO A 128 -5.16 1.18 17.75
N ILE A 129 -6.09 0.76 16.90
CA ILE A 129 -6.99 1.64 16.14
C ILE A 129 -8.43 1.19 16.27
N MET A 130 -9.38 2.07 15.93
CA MET A 130 -10.80 1.75 15.81
C MET A 130 -11.09 1.79 14.35
N SER A 131 -11.74 0.76 13.80
CA SER A 131 -11.92 0.66 12.35
C SER A 131 -13.34 0.35 11.93
N ILE A 132 -13.66 0.78 10.71
CA ILE A 132 -14.85 0.37 9.98
C ILE A 132 -14.35 -0.18 8.66
N TYR A 133 -15.11 -1.09 8.06
CA TYR A 133 -14.75 -1.70 6.79
C TYR A 133 -15.86 -1.58 5.78
N PHE A 134 -15.50 -1.37 4.51
CA PHE A 134 -16.50 -1.35 3.45
C PHE A 134 -15.80 -1.68 2.12
N ARG A 135 -16.61 -1.90 1.08
CA ARG A 135 -16.11 -2.25 -0.24
C ARG A 135 -16.16 -1.08 -1.19
N ASP A 136 -15.16 -0.99 -2.06
CA ASP A 136 -15.19 -0.01 -3.14
C ASP A 136 -15.83 -0.68 -4.39
N PRO A 137 -15.92 -0.01 -5.56
CA PRO A 137 -16.61 -0.62 -6.72
C PRO A 137 -16.00 -1.93 -7.20
N ASP A 138 -14.70 -2.14 -6.96
CA ASP A 138 -14.03 -3.37 -7.39
C ASP A 138 -13.95 -4.41 -6.27
N ARG A 139 -14.59 -4.12 -5.13
CA ARG A 139 -14.67 -4.99 -3.96
C ARG A 139 -13.31 -5.10 -3.26
N ASN A 140 -12.45 -4.08 -3.44
CA ASN A 140 -11.28 -3.94 -2.58
C ASN A 140 -11.83 -3.74 -1.17
N LEU A 141 -11.09 -4.15 -0.16
CA LEU A 141 -11.52 -3.96 1.20
C LEU A 141 -10.89 -2.68 1.74
N ILE A 142 -11.73 -1.71 2.12
CA ILE A 142 -11.25 -0.43 2.63
C ILE A 142 -11.55 -0.33 4.11
N GLU A 143 -10.50 -0.15 4.91
CA GLU A 143 -10.61 -0.01 6.35
C GLU A 143 -10.35 1.45 6.67
N VAL A 144 -11.33 2.13 7.28
CA VAL A 144 -11.18 3.56 7.64
C VAL A 144 -11.09 3.59 9.16
N SER A 145 -10.05 4.27 9.68
CA SER A 145 -9.75 4.15 11.10
C SER A 145 -9.38 5.43 11.81
N ASN A 146 -9.44 5.35 13.15
CA ASN A 146 -8.97 6.41 14.03
C ASN A 146 -7.94 5.88 15.00
N TYR A 147 -6.93 6.70 15.30
CA TYR A 147 -6.03 6.46 16.44
C TYR A 147 -6.67 7.13 17.66
N ILE B 25 -5.16 15.13 5.62
CA ILE B 25 -5.35 14.57 6.96
C ILE B 25 -5.45 13.04 6.88
N ARG B 26 -6.01 12.49 5.78
CA ARG B 26 -6.12 11.05 5.55
C ARG B 26 -4.76 10.50 5.16
N ARG B 27 -4.38 9.34 5.72
CA ARG B 27 -3.10 8.74 5.41
C ARG B 27 -3.20 7.24 5.39
N LEU B 28 -2.37 6.61 4.56
CA LEU B 28 -2.28 5.15 4.53
C LEU B 28 -1.60 4.66 5.80
N ASP B 29 -2.18 3.67 6.46
CA ASP B 29 -1.56 3.11 7.66
C ASP B 29 -0.92 1.78 7.35
N HIS B 30 -1.66 0.92 6.63
CA HIS B 30 -1.12 -0.38 6.28
C HIS B 30 -1.86 -0.99 5.13
N ILE B 31 -1.23 -2.00 4.54
CA ILE B 31 -1.75 -2.78 3.41
CA ILE B 31 -1.81 -2.76 3.45
C ILE B 31 -1.55 -4.24 3.75
N VAL B 32 -2.46 -5.12 3.31
CA VAL B 32 -2.30 -6.54 3.55
C VAL B 32 -1.65 -7.14 2.30
N MET B 33 -0.52 -7.83 2.47
CA MET B 33 0.21 -8.49 1.38
C MET B 33 0.00 -9.98 1.49
N THR B 34 -0.59 -10.62 0.44
CA THR B 34 -0.80 -12.07 0.41
C THR B 34 0.45 -12.68 -0.19
N VAL B 35 1.05 -13.65 0.51
CA VAL B 35 2.32 -14.17 0.04
C VAL B 35 2.34 -15.69 -0.03
N LYS B 36 3.19 -16.23 -0.89
CA LYS B 36 3.37 -17.67 -1.00
CA LYS B 36 3.38 -17.67 -0.99
C LYS B 36 4.07 -18.19 0.27
N SER B 37 5.06 -17.44 0.77
CA SER B 37 5.84 -17.81 1.95
C SER B 37 6.17 -16.60 2.83
N ILE B 38 5.65 -16.61 4.07
CA ILE B 38 5.95 -15.55 5.04
C ILE B 38 7.47 -15.56 5.33
N LYS B 39 8.10 -16.76 5.43
CA LYS B 39 9.55 -16.86 5.65
C LYS B 39 10.31 -16.11 4.55
N ASP B 40 10.04 -16.42 3.27
CA ASP B 40 10.72 -15.79 2.14
C ASP B 40 10.51 -14.28 2.11
N THR B 41 9.27 -13.84 2.33
CA THR B 41 8.91 -12.41 2.29
C THR B 41 9.58 -11.64 3.44
N THR B 42 9.49 -12.15 4.68
CA THR B 42 10.13 -11.45 5.81
C THR B 42 11.63 -11.37 5.65
N MET B 43 12.29 -12.45 5.16
CA MET B 43 13.74 -12.44 4.96
CA MET B 43 13.73 -12.43 4.96
C MET B 43 14.12 -11.41 3.90
N PHE B 44 13.35 -11.37 2.80
CA PHE B 44 13.61 -10.41 1.72
C PHE B 44 13.47 -8.97 2.22
N TYR B 45 12.32 -8.59 2.79
CA TYR B 45 12.12 -7.20 3.17
C TYR B 45 13.05 -6.75 4.30
N SER B 46 13.43 -7.66 5.21
CA SER B 46 14.33 -7.30 6.29
CA SER B 46 14.34 -7.31 6.29
C SER B 46 15.73 -7.04 5.72
N LYS B 47 16.21 -7.91 4.83
CA LYS B 47 17.55 -7.79 4.24
C LYS B 47 17.66 -6.65 3.22
N ILE B 48 16.72 -6.59 2.29
CA ILE B 48 16.80 -5.65 1.17
C ILE B 48 16.34 -4.25 1.55
N LEU B 49 15.31 -4.10 2.39
CA LEU B 49 14.81 -2.76 2.71
C LEU B 49 14.90 -2.39 4.19
N GLY B 50 15.46 -3.26 5.02
CA GLY B 50 15.61 -2.98 6.46
C GLY B 50 14.31 -2.91 7.22
N MET B 51 13.27 -3.58 6.73
CA MET B 51 11.98 -3.57 7.41
C MET B 51 12.06 -4.43 8.67
N GLU B 52 11.34 -4.01 9.71
CA GLU B 52 11.32 -4.72 10.98
C GLU B 52 10.27 -5.81 10.91
N VAL B 53 10.65 -7.05 11.25
CA VAL B 53 9.71 -8.17 11.28
C VAL B 53 9.07 -8.16 12.67
N MET B 54 7.73 -8.03 12.72
CA MET B 54 7.04 -7.96 14.00
C MET B 54 5.99 -9.05 14.10
N THR B 55 5.74 -9.53 15.33
CA THR B 55 4.72 -10.52 15.60
C THR B 55 3.64 -9.86 16.48
N PHE B 56 2.37 -10.04 16.12
CA PHE B 56 1.25 -9.48 16.87
C PHE B 56 0.11 -10.50 16.90
N LYS B 57 -0.85 -10.34 17.83
CA LYS B 57 -1.99 -11.24 18.03
C LYS B 57 -1.56 -12.74 18.06
N GLU B 58 -0.44 -13.01 18.78
CA GLU B 58 0.22 -14.32 19.02
C GLU B 58 0.97 -14.90 17.81
N ASP B 59 0.32 -15.01 16.63
CA ASP B 59 0.90 -15.67 15.45
C ASP B 59 1.01 -14.80 14.17
N ARG B 60 0.32 -13.65 14.13
CA ARG B 60 0.31 -12.74 12.97
C ARG B 60 1.68 -12.11 12.73
N LYS B 61 2.04 -11.89 11.45
CA LYS B 61 3.33 -11.27 11.11
C LYS B 61 3.11 -9.99 10.33
N ALA B 62 3.99 -9.02 10.56
CA ALA B 62 3.95 -7.77 9.81
C ALA B 62 5.35 -7.29 9.54
N LEU B 63 5.47 -6.40 8.54
CA LEU B 63 6.72 -5.76 8.17
C LEU B 63 6.57 -4.28 8.41
N CYS B 64 7.30 -3.75 9.40
CA CYS B 64 7.21 -2.34 9.79
C CYS B 64 8.32 -1.54 9.15
N PHE B 65 8.01 -0.42 8.48
CA PHE B 65 9.09 0.32 7.78
C PHE B 65 9.14 1.81 8.05
N GLY B 66 8.25 2.31 8.89
CA GLY B 66 8.21 3.73 9.25
C GLY B 66 6.99 3.98 10.10
N ASP B 67 6.08 4.81 9.61
CA ASP B 67 4.80 5.05 10.28
C ASP B 67 3.76 4.09 9.70
N GLN B 68 4.15 3.24 8.72
CA GLN B 68 3.30 2.24 8.06
C GLN B 68 3.84 0.81 8.15
N LYS B 69 3.01 -0.17 7.78
CA LYS B 69 3.41 -1.57 7.77
C LYS B 69 2.68 -2.34 6.71
N PHE B 70 3.21 -3.52 6.42
CA PHE B 70 2.54 -4.52 5.59
C PHE B 70 2.10 -5.65 6.50
N ASN B 71 0.82 -5.98 6.52
CA ASN B 71 0.38 -7.19 7.22
C ASN B 71 0.54 -8.35 6.26
N LEU B 72 1.09 -9.47 6.71
CA LEU B 72 1.27 -10.61 5.82
C LEU B 72 0.29 -11.73 6.08
N HIS B 73 -0.13 -12.41 5.01
CA HIS B 73 -0.94 -13.62 5.15
C HIS B 73 -0.51 -14.57 4.09
N GLU B 74 -0.36 -15.86 4.44
CA GLU B 74 -0.03 -16.85 3.43
C GLU B 74 -1.27 -17.13 2.60
N VAL B 75 -1.07 -17.56 1.37
CA VAL B 75 -2.20 -17.81 0.46
C VAL B 75 -3.28 -18.69 1.10
N GLY B 76 -4.54 -18.23 1.02
CA GLY B 76 -5.73 -18.93 1.52
C GLY B 76 -5.91 -19.04 3.03
N LYS B 77 -5.02 -18.39 3.82
CA LYS B 77 -5.05 -18.45 5.29
C LYS B 77 -5.81 -17.31 5.96
N GLU B 78 -5.94 -16.13 5.31
CA GLU B 78 -6.62 -14.97 5.90
C GLU B 78 -8.12 -15.20 6.02
N PHE B 79 -8.72 -14.75 7.13
CA PHE B 79 -10.17 -14.83 7.35
C PHE B 79 -10.82 -13.51 6.98
N GLU B 80 -12.16 -13.51 6.78
CA GLU B 80 -12.90 -12.28 6.44
C GLU B 80 -12.93 -11.31 7.65
N PRO B 81 -12.95 -9.97 7.42
CA PRO B 81 -12.97 -9.34 6.11
C PRO B 81 -11.57 -9.33 5.48
N LYS B 82 -11.53 -9.65 4.18
CA LYS B 82 -10.31 -9.63 3.38
C LYS B 82 -10.64 -9.10 2.00
N ALA B 83 -9.61 -8.87 1.18
CA ALA B 83 -9.83 -8.45 -0.20
C ALA B 83 -10.68 -9.49 -0.93
N ALA B 84 -11.41 -9.07 -1.95
CA ALA B 84 -12.21 -10.03 -2.75
C ALA B 84 -11.28 -11.05 -3.42
N HIS B 85 -10.08 -10.61 -3.82
CA HIS B 85 -9.12 -11.47 -4.48
C HIS B 85 -7.73 -11.33 -3.83
N PRO B 86 -7.48 -11.99 -2.68
CA PRO B 86 -6.14 -11.89 -2.06
C PRO B 86 -5.16 -12.70 -2.92
N VAL B 87 -4.36 -11.99 -3.69
CA VAL B 87 -3.49 -12.58 -4.70
C VAL B 87 -2.04 -12.18 -4.46
N PRO B 88 -1.10 -13.14 -4.38
CA PRO B 88 0.32 -12.76 -4.34
C PRO B 88 0.74 -12.11 -5.66
N GLY B 89 1.56 -11.08 -5.58
CA GLY B 89 2.04 -10.41 -6.78
C GLY B 89 1.11 -9.39 -7.38
N SER B 90 0.06 -9.01 -6.63
CA SER B 90 -0.92 -8.02 -7.10
C SER B 90 -0.56 -6.59 -6.68
N LEU B 91 0.52 -6.42 -5.89
CA LEU B 91 0.88 -5.08 -5.39
C LEU B 91 1.86 -4.36 -6.29
N ASP B 92 1.67 -3.04 -6.40
CA ASP B 92 2.50 -2.14 -7.19
C ASP B 92 2.58 -0.90 -6.34
N ILE B 93 3.66 -0.78 -5.57
CA ILE B 93 3.77 0.27 -4.57
C ILE B 93 5.03 1.09 -4.69
N CYS B 94 4.99 2.31 -4.14
CA CYS B 94 6.14 3.19 -4.14
C CYS B 94 6.48 3.59 -2.73
N LEU B 95 7.70 3.30 -2.31
CA LEU B 95 8.21 3.67 -0.98
C LEU B 95 9.25 4.73 -1.12
N ILE B 96 9.14 5.79 -0.30
CA ILE B 96 10.15 6.84 -0.25
C ILE B 96 11.14 6.47 0.79
N THR B 97 12.42 6.67 0.49
CA THR B 97 13.50 6.53 1.47
C THR B 97 14.37 7.78 1.46
N GLU B 98 15.00 8.12 2.60
CA GLU B 98 15.94 9.24 2.63
C GLU B 98 17.34 8.73 2.23
N VAL B 99 17.50 7.39 2.09
CA VAL B 99 18.75 6.76 1.63
C VAL B 99 18.95 7.17 0.17
N PRO B 100 20.10 7.80 -0.18
CA PRO B 100 20.33 8.15 -1.58
C PRO B 100 20.17 6.96 -2.48
N LEU B 101 19.46 7.15 -3.58
CA LEU B 101 19.16 6.08 -4.49
C LEU B 101 20.42 5.33 -4.97
N GLU B 102 21.56 6.04 -5.19
CA GLU B 102 22.83 5.39 -5.56
C GLU B 102 23.26 4.35 -4.50
N GLU B 103 23.05 4.65 -3.18
CA GLU B 103 23.39 3.69 -2.11
C GLU B 103 22.43 2.49 -2.14
N MET B 104 21.14 2.74 -2.45
CA MET B 104 20.14 1.68 -2.57
CA MET B 104 20.15 1.65 -2.52
C MET B 104 20.51 0.73 -3.70
N ILE B 105 20.94 1.31 -4.83
CA ILE B 105 21.33 0.51 -6.01
C ILE B 105 22.50 -0.41 -5.62
N GLN B 106 23.53 0.13 -4.94
CA GLN B 106 24.69 -0.66 -4.53
C GLN B 106 24.28 -1.79 -3.58
N HIS B 107 23.31 -1.51 -2.67
CA HIS B 107 22.81 -2.53 -1.75
C HIS B 107 22.11 -3.66 -2.52
N LEU B 108 21.19 -3.33 -3.44
CA LEU B 108 20.49 -4.38 -4.22
C LEU B 108 21.47 -5.19 -5.06
N LYS B 109 22.49 -4.53 -5.68
CA LYS B 109 23.51 -5.24 -6.46
C LYS B 109 24.28 -6.25 -5.58
N ALA B 110 24.65 -5.82 -4.36
CA ALA B 110 25.36 -6.64 -3.37
C ALA B 110 24.52 -7.84 -2.92
N CYS B 111 23.19 -7.67 -2.85
CA CYS B 111 22.24 -8.71 -2.43
C CYS B 111 21.73 -9.54 -3.61
N ASP B 112 22.25 -9.27 -4.82
CA ASP B 112 21.88 -9.97 -6.06
C ASP B 112 20.38 -9.85 -6.37
N VAL B 113 19.81 -8.67 -6.15
CA VAL B 113 18.41 -8.40 -6.50
C VAL B 113 18.46 -7.62 -7.81
N PRO B 114 17.95 -8.17 -8.94
CA PRO B 114 17.98 -7.40 -10.20
C PRO B 114 17.13 -6.13 -10.12
N ILE B 115 17.69 -5.04 -10.64
CA ILE B 115 16.96 -3.77 -10.74
C ILE B 115 16.31 -3.81 -12.10
N GLU B 116 14.97 -3.82 -12.12
CA GLU B 116 14.19 -3.89 -13.36
C GLU B 116 14.29 -2.60 -14.17
N GLU B 117 14.26 -1.45 -13.50
CA GLU B 117 14.33 -0.14 -14.13
C GLU B 117 14.92 0.85 -13.13
N GLY B 118 15.62 1.86 -13.63
CA GLY B 118 16.13 2.92 -12.78
C GLY B 118 17.62 3.04 -12.63
N PRO B 119 18.11 4.17 -12.11
CA PRO B 119 17.33 5.32 -11.61
C PRO B 119 16.68 6.10 -12.75
N VAL B 120 15.38 6.40 -12.57
CA VAL B 120 14.60 7.12 -13.56
C VAL B 120 13.76 8.21 -12.89
N PRO B 121 13.46 9.31 -13.61
CA PRO B 121 12.60 10.34 -13.02
C PRO B 121 11.14 9.94 -13.17
N ARG B 122 10.39 10.01 -12.08
CA ARG B 122 8.99 9.61 -12.05
C ARG B 122 8.15 10.63 -11.28
N THR B 123 6.82 10.39 -11.19
CA THR B 123 5.93 11.32 -10.51
C THR B 123 5.53 10.77 -9.16
N GLY B 124 5.78 11.55 -8.12
CA GLY B 124 5.38 11.19 -6.76
C GLY B 124 4.10 11.95 -6.42
N ALA B 125 3.49 11.63 -5.27
CA ALA B 125 2.28 12.33 -4.82
C ALA B 125 2.53 13.83 -4.61
N LYS B 126 3.75 14.20 -4.15
CA LYS B 126 4.08 15.58 -3.79
C LYS B 126 4.98 16.30 -4.79
N GLY B 127 5.29 15.65 -5.90
CA GLY B 127 6.15 16.23 -6.92
C GLY B 127 7.02 15.17 -7.56
N PRO B 128 8.00 15.59 -8.36
CA PRO B 128 8.87 14.60 -9.01
C PRO B 128 9.72 13.82 -8.03
N ILE B 129 9.95 12.57 -8.39
CA ILE B 129 10.80 11.64 -7.64
C ILE B 129 11.81 10.95 -8.55
N MET B 130 12.83 10.35 -7.95
CA MET B 130 13.82 9.51 -8.65
C MET B 130 13.55 8.12 -8.17
N SER B 131 13.38 7.15 -9.09
CA SER B 131 12.96 5.81 -8.68
C SER B 131 13.80 4.69 -9.25
N ILE B 132 13.81 3.58 -8.51
CA ILE B 132 14.28 2.28 -8.98
C ILE B 132 13.14 1.32 -8.78
N TYR B 133 13.07 0.28 -9.61
CA TYR B 133 12.04 -0.74 -9.52
C TYR B 133 12.63 -2.12 -9.41
N PHE B 134 12.00 -2.99 -8.62
CA PHE B 134 12.45 -4.36 -8.52
C PHE B 134 11.29 -5.23 -8.06
N ARG B 135 11.47 -6.54 -8.14
CA ARG B 135 10.45 -7.51 -7.75
C ARG B 135 10.77 -8.10 -6.41
N ASP B 136 9.72 -8.34 -5.64
CA ASP B 136 9.89 -9.05 -4.39
C ASP B 136 9.66 -10.57 -4.66
N PRO B 137 9.69 -11.48 -3.64
CA PRO B 137 9.56 -12.90 -3.94
C PRO B 137 8.25 -13.32 -4.63
N ASP B 138 7.19 -12.54 -4.43
CA ASP B 138 5.89 -12.83 -5.05
C ASP B 138 5.68 -12.04 -6.35
N ARG B 139 6.70 -11.32 -6.81
CA ARG B 139 6.73 -10.53 -8.05
C ARG B 139 5.79 -9.31 -7.96
N ASN B 140 5.58 -8.84 -6.72
CA ASN B 140 4.98 -7.51 -6.56
C ASN B 140 5.97 -6.53 -7.16
N LEU B 141 5.50 -5.40 -7.65
CA LEU B 141 6.40 -4.39 -8.19
C LEU B 141 6.70 -3.39 -7.10
N ILE B 142 7.97 -3.26 -6.71
CA ILE B 142 8.37 -2.34 -5.65
C ILE B 142 9.18 -1.22 -6.24
N GLU B 143 8.68 0.01 -6.06
CA GLU B 143 9.36 1.21 -6.52
C GLU B 143 9.97 1.88 -5.29
N VAL B 144 11.31 2.05 -5.25
CA VAL B 144 11.97 2.71 -4.14
C VAL B 144 12.47 4.05 -4.66
N SER B 145 12.13 5.14 -3.93
CA SER B 145 12.35 6.46 -4.49
C SER B 145 12.90 7.50 -3.53
N ASN B 146 13.40 8.58 -4.12
CA ASN B 146 13.81 9.77 -3.38
C ASN B 146 13.06 10.99 -3.84
N TYR B 147 12.72 11.87 -2.90
CA TYR B 147 12.27 13.24 -3.19
C TYR B 147 13.52 14.12 -3.23
S SO4 C . -5.83 -6.70 12.13
O1 SO4 C . -4.52 -6.89 11.54
O2 SO4 C . -6.85 -6.71 11.12
O3 SO4 C . -6.12 -7.73 13.05
O4 SO4 C . -5.85 -5.43 12.83
C1 PEG D . -9.60 7.89 -18.13
O1 PEG D . -10.31 8.41 -17.04
C2 PEG D . -8.32 8.56 -18.36
O2 PEG D . -8.48 9.94 -18.55
C3 PEG D . -7.41 10.52 -19.28
C4 PEG D . -7.38 11.98 -19.08
O4 PEG D . -8.46 12.61 -19.75
C1 EDO E . -21.47 5.02 -4.14
O1 EDO E . -22.54 4.84 -3.21
C2 EDO E . -21.62 6.35 -4.88
O2 EDO E . -20.64 6.48 -5.91
S SO4 F . 4.80 7.42 -13.15
O1 SO4 F . 5.12 8.08 -14.37
O2 SO4 F . 3.39 7.60 -12.83
O3 SO4 F . 5.10 6.02 -13.27
O4 SO4 F . 5.61 7.98 -12.11
C1 EDO G . 17.58 -11.57 -0.55
O1 EDO G . 17.96 -11.53 -1.93
C2 EDO G . 16.64 -12.73 -0.31
O2 EDO G . 16.71 -13.12 1.07
#